data_3QCI
#
_entry.id   3QCI
#
_cell.length_a   75.400
_cell.length_b   75.400
_cell.length_c   153.800
_cell.angle_alpha   90.00
_cell.angle_beta   90.00
_cell.angle_gamma   120.00
#
_symmetry.space_group_name_H-M   'P 32 2 1'
#
loop_
_entity.id
_entity.type
_entity.pdbx_description
1 polymer 'Receptor-type tyrosine-protein phosphatase gamma'
2 non-polymer N-[(3-aminophenyl)sulfonyl]-3-[(3,4-dichlorobenzyl)sulfanyl]thiophene-2-carboxamide
3 water water
#
_entity_poly.entity_id   1
_entity_poly.type   'polypeptide(L)'
_entity_poly.pdbx_seq_one_letter_code
;GSHMGSMEAIPVKQFVKHIGELYSNNQHGFSEDFEEVQRCTADMNITAEHSNHPENKHKNRYINILAYDHSRVKLRPLPG
KDSKHSDYINANYVDGYNKAKAYIATQGPLKSTFEDFWRMIWEQNTGIIVMITNLVEKGRRKCDQYWPTENSEEYGNIIV
TLKSTKIHACYTVRRFSIRNTKVKKGQKGNPKGRQNERVVIQYHYTQWPDMGVPEYALPVLTFVRRSSAARMPETGPVLV
HCSAGVGRTGTYIVIDSMLQQIKDKSTVNVLGFLKHIRTQRNYLVQTEEQYIFIHDALLEAILGKETEVS
;
_entity_poly.pdbx_strand_id   A
#
loop_
_chem_comp.id
_chem_comp.type
_chem_comp.name
_chem_comp.formula
NX3 non-polymer N-[(3-aminophenyl)sulfonyl]-3-[(3,4-dichlorobenzyl)sulfanyl]thiophene-2-carboxamide 'C18 H14 Cl2 N2 O3 S3'
#
# COMPACT_ATOMS: atom_id res chain seq x y z
N MET A 7 -16.88 -15.90 12.82
CA MET A 7 -15.61 -15.16 12.52
C MET A 7 -15.87 -13.65 12.37
N GLU A 8 -16.02 -12.96 13.49
CA GLU A 8 -16.20 -11.51 13.50
C GLU A 8 -15.24 -10.85 14.50
N ALA A 9 -15.52 -9.61 14.88
CA ALA A 9 -14.60 -8.81 15.70
C ALA A 9 -14.24 -9.43 17.05
N ILE A 10 -12.99 -9.23 17.46
CA ILE A 10 -12.48 -9.70 18.75
C ILE A 10 -12.20 -8.51 19.67
N PRO A 11 -12.76 -8.51 20.88
CA PRO A 11 -12.51 -7.39 21.78
C PRO A 11 -11.01 -7.22 22.01
N VAL A 12 -10.55 -5.98 22.05
CA VAL A 12 -9.12 -5.70 22.06
C VAL A 12 -8.44 -6.32 23.28
N LYS A 13 -9.21 -6.57 24.32
CA LYS A 13 -8.67 -7.05 25.59
C LYS A 13 -8.32 -8.53 25.53
N GLN A 14 -8.94 -9.24 24.59
CA GLN A 14 -8.67 -10.66 24.43
C GLN A 14 -7.87 -10.97 23.17
N PHE A 15 -7.58 -9.93 22.40
CA PHE A 15 -6.84 -10.07 21.16
C PHE A 15 -5.39 -10.45 21.49
N VAL A 16 -4.86 -9.82 22.52
CA VAL A 16 -3.48 -10.03 22.94
C VAL A 16 -3.29 -11.48 23.40
N LYS A 17 -4.27 -11.97 24.16
CA LYS A 17 -4.32 -13.37 24.58
C LYS A 17 -4.35 -14.27 23.35
N HIS A 18 -5.14 -13.87 22.37
CA HIS A 18 -5.30 -14.62 21.13
C HIS A 18 -3.96 -14.78 20.41
N ILE A 19 -3.17 -13.72 20.40
CA ILE A 19 -1.86 -13.74 19.77
C ILE A 19 -1.00 -14.85 20.39
N GLY A 20 -1.04 -14.95 21.72
CA GLY A 20 -0.40 -16.06 22.40
C GLY A 20 -0.78 -17.40 21.81
N GLU A 21 -2.08 -17.63 21.62
CA GLU A 21 -2.56 -18.90 21.08
C GLU A 21 -2.10 -19.13 19.63
N LEU A 22 -2.11 -18.08 18.83
CA LEU A 22 -1.70 -18.18 17.43
C LEU A 22 -0.24 -18.52 17.31
N TYR A 23 0.56 -18.02 18.25
CA TYR A 23 2.00 -18.24 18.28
C TYR A 23 2.38 -19.64 18.78
N SER A 24 1.58 -20.20 19.68
CA SER A 24 2.02 -21.41 20.38
C SER A 24 2.21 -22.56 19.39
N ASN A 25 2.89 -23.60 19.84
CA ASN A 25 3.03 -24.81 19.05
C ASN A 25 3.55 -24.40 17.67
N ASN A 26 4.60 -23.60 17.69
CA ASN A 26 5.29 -23.15 16.48
C ASN A 26 4.38 -22.45 15.48
N GLN A 27 3.57 -21.54 16.00
CA GLN A 27 2.82 -20.63 15.15
C GLN A 27 1.81 -21.40 14.30
N HIS A 28 1.44 -22.58 14.78
CA HIS A 28 0.43 -23.42 14.12
C HIS A 28 -0.84 -22.63 13.83
N GLY A 29 -1.29 -21.85 14.81
CA GLY A 29 -2.51 -21.09 14.66
C GLY A 29 -2.37 -20.01 13.61
N PHE A 30 -1.20 -19.38 13.56
CA PHE A 30 -0.94 -18.38 12.52
C PHE A 30 -0.96 -19.08 11.17
N SER A 31 -0.42 -20.29 11.12
CA SER A 31 -0.32 -21.00 9.86
C SER A 31 -1.71 -21.33 9.33
N GLU A 32 -2.59 -21.78 10.22
CA GLU A 32 -3.97 -22.09 9.85
C GLU A 32 -4.71 -20.86 9.37
N ASP A 33 -4.53 -19.73 10.04
CA ASP A 33 -5.17 -18.50 9.63
C ASP A 33 -4.78 -18.08 8.22
N PHE A 34 -3.48 -18.06 7.94
CA PHE A 34 -2.98 -17.50 6.70
C PHE A 34 -3.32 -18.40 5.53
N GLU A 35 -3.34 -19.72 5.78
CA GLU A 35 -3.75 -20.68 4.76
C GLU A 35 -5.23 -20.51 4.45
N GLU A 36 -6.04 -20.25 5.47
CA GLU A 36 -7.43 -19.90 5.24
C GLU A 36 -7.48 -18.67 4.33
N VAL A 37 -6.66 -17.68 4.62
CA VAL A 37 -6.60 -16.47 3.82
C VAL A 37 -6.26 -16.78 2.37
N GLN A 38 -5.30 -17.68 2.16
CA GLN A 38 -4.88 -17.99 0.81
C GLN A 38 -5.93 -18.82 0.07
N ARG A 39 -6.69 -19.62 0.79
CA ARG A 39 -7.79 -20.36 0.20
C ARG A 39 -9.03 -19.49 0.05
N CYS A 40 -9.07 -18.35 0.75
CA CYS A 40 -10.28 -17.53 0.83
C CYS A 40 -10.76 -17.09 -0.54
N THR A 41 -9.87 -17.20 -1.52
CA THR A 41 -10.16 -16.81 -2.89
C THR A 41 -10.66 -18.04 -3.69
N ALA A 42 -10.47 -19.23 -3.11
CA ALA A 42 -10.63 -20.49 -3.83
C ALA A 42 -11.87 -20.54 -4.71
N ASP A 43 -13.05 -20.47 -4.09
CA ASP A 43 -14.30 -20.60 -4.83
C ASP A 43 -14.64 -19.28 -5.49
N MET A 44 -13.61 -18.53 -5.87
CA MET A 44 -13.80 -17.18 -6.33
C MET A 44 -12.95 -16.86 -7.56
N ASN A 45 -13.64 -16.48 -8.62
CA ASN A 45 -12.98 -16.07 -9.84
C ASN A 45 -13.06 -14.54 -9.87
N ILE A 46 -11.90 -13.89 -9.95
CA ILE A 46 -11.88 -12.44 -10.09
C ILE A 46 -11.13 -12.06 -11.36
N THR A 47 -11.80 -11.36 -12.27
CA THR A 47 -11.22 -11.10 -13.58
C THR A 47 -10.22 -9.95 -13.55
N ALA A 48 -9.16 -10.10 -14.34
CA ALA A 48 -8.17 -9.04 -14.52
C ALA A 48 -7.79 -9.01 -16.00
N GLU A 49 -8.79 -8.84 -16.85
CA GLU A 49 -8.59 -8.88 -18.29
C GLU A 49 -7.70 -7.73 -18.74
N HIS A 50 -7.94 -6.55 -18.19
CA HIS A 50 -7.17 -5.38 -18.56
C HIS A 50 -5.69 -5.54 -18.25
N SER A 51 -5.39 -6.19 -17.11
CA SER A 51 -4.00 -6.43 -16.73
C SER A 51 -3.32 -7.39 -17.71
N ASN A 52 -4.09 -8.28 -18.30
CA ASN A 52 -3.55 -9.32 -19.18
C ASN A 52 -3.55 -8.93 -20.66
N HIS A 53 -4.04 -7.73 -20.96
CA HIS A 53 -4.10 -7.33 -22.35
C HIS A 53 -2.69 -7.04 -22.85
N PRO A 54 -2.38 -7.50 -24.08
CA PRO A 54 -1.03 -7.38 -24.63
C PRO A 54 -0.51 -5.94 -24.57
N GLU A 55 -1.41 -4.98 -24.69
CA GLU A 55 -1.02 -3.58 -24.75
C GLU A 55 -0.68 -3.03 -23.36
N ASN A 56 -1.04 -3.78 -22.31
CA ASN A 56 -0.86 -3.31 -20.95
C ASN A 56 0.24 -4.08 -20.22
N LYS A 57 0.82 -5.07 -20.90
CA LYS A 57 1.79 -5.96 -20.29
C LYS A 57 3.05 -5.25 -19.79
N HIS A 58 3.62 -4.40 -20.62
CA HIS A 58 4.85 -3.70 -20.26
C HIS A 58 4.58 -2.73 -19.12
N LYS A 59 3.31 -2.63 -18.73
CA LYS A 59 2.91 -1.74 -17.65
C LYS A 59 2.86 -2.45 -16.29
N ASN A 60 3.03 -3.76 -16.29
CA ASN A 60 3.08 -4.55 -15.06
C ASN A 60 4.52 -4.92 -14.70
N ARG A 61 4.91 -4.65 -13.46
CA ARG A 61 6.24 -5.03 -12.98
C ARG A 61 6.45 -6.54 -12.96
N TYR A 62 5.47 -7.28 -12.44
CA TYR A 62 5.55 -8.74 -12.41
C TYR A 62 4.40 -9.36 -13.18
N ILE A 63 4.70 -10.38 -13.99
CA ILE A 63 3.70 -10.92 -14.93
C ILE A 63 2.58 -11.61 -14.19
N ASN A 64 2.80 -11.86 -12.90
CA ASN A 64 1.85 -12.62 -12.13
C ASN A 64 1.07 -11.74 -11.14
N ILE A 65 1.44 -10.47 -11.05
CA ILE A 65 0.82 -9.59 -10.09
C ILE A 65 -0.10 -8.60 -10.81
N LEU A 66 -1.39 -8.83 -10.69
CA LEU A 66 -2.36 -8.17 -11.55
C LEU A 66 -3.25 -7.20 -10.78
N ALA A 67 -4.05 -6.45 -11.53
CA ALA A 67 -5.00 -5.51 -10.95
C ALA A 67 -6.44 -5.90 -11.32
N TYR A 68 -7.14 -6.51 -10.36
CA TYR A 68 -8.53 -6.92 -10.54
C TYR A 68 -9.36 -5.83 -11.25
N ASP A 69 -10.14 -6.24 -12.24
CA ASP A 69 -10.93 -5.28 -13.02
C ASP A 69 -11.84 -4.42 -12.15
N HIS A 70 -12.62 -5.05 -11.29
CA HIS A 70 -13.72 -4.33 -10.62
C HIS A 70 -13.20 -3.20 -9.75
N SER A 71 -11.99 -3.36 -9.21
CA SER A 71 -11.47 -2.41 -8.23
C SER A 71 -10.35 -1.54 -8.80
N ARG A 72 -9.94 -1.83 -10.03
CA ARG A 72 -8.78 -1.16 -10.61
C ARG A 72 -8.98 0.35 -10.75
N VAL A 73 -7.94 1.11 -10.46
CA VAL A 73 -7.97 2.55 -10.70
C VAL A 73 -7.88 2.79 -12.21
N LYS A 74 -8.80 3.60 -12.73
CA LYS A 74 -8.82 3.89 -14.16
C LYS A 74 -8.23 5.28 -14.41
N LEU A 75 -7.27 5.35 -15.32
CA LEU A 75 -6.79 6.64 -15.81
C LEU A 75 -7.79 7.18 -16.84
N ARG A 76 -7.97 8.50 -16.86
CA ARG A 76 -8.74 9.13 -17.94
C ARG A 76 -8.10 8.78 -19.29
N PRO A 77 -8.90 8.25 -20.23
CA PRO A 77 -8.30 7.87 -21.51
C PRO A 77 -7.73 9.07 -22.27
N LEU A 78 -6.78 8.80 -23.17
CA LEU A 78 -6.03 9.86 -23.83
C LEU A 78 -6.34 9.98 -25.32
N PRO A 79 -6.50 11.22 -25.80
CA PRO A 79 -6.63 11.52 -27.23
C PRO A 79 -5.40 11.07 -28.01
N SER A 83 -4.66 6.19 -26.57
CA SER A 83 -5.03 4.90 -27.17
C SER A 83 -6.07 4.19 -26.32
N LYS A 84 -6.46 3.00 -26.75
CA LYS A 84 -7.57 2.29 -26.15
C LYS A 84 -7.29 1.87 -24.70
N HIS A 85 -6.01 1.77 -24.36
CA HIS A 85 -5.62 1.25 -23.06
C HIS A 85 -4.78 2.23 -22.25
N SER A 86 -4.88 3.50 -22.61
CA SER A 86 -4.26 4.58 -21.86
C SER A 86 -4.97 4.79 -20.52
N ASP A 87 -5.96 3.95 -20.24
CA ASP A 87 -6.71 4.05 -19.00
C ASP A 87 -6.15 3.11 -17.94
N TYR A 88 -5.27 2.21 -18.37
CA TYR A 88 -4.73 1.17 -17.50
C TYR A 88 -3.49 1.53 -16.66
N ILE A 89 -3.58 1.25 -15.36
CA ILE A 89 -2.41 1.23 -14.49
C ILE A 89 -2.60 0.12 -13.46
N ASN A 90 -1.52 -0.57 -13.10
CA ASN A 90 -1.61 -1.67 -12.16
C ASN A 90 -1.80 -1.13 -10.74
N ALA A 91 -3.06 -0.93 -10.38
CA ALA A 91 -3.44 -0.31 -9.12
C ALA A 91 -4.92 -0.66 -8.82
N ASN A 92 -5.26 -0.70 -7.55
CA ASN A 92 -6.60 -1.07 -7.12
C ASN A 92 -6.99 -0.20 -5.95
N TYR A 93 -8.22 0.28 -5.95
CA TYR A 93 -8.80 0.84 -4.74
C TYR A 93 -8.90 -0.28 -3.72
N VAL A 94 -8.63 0.06 -2.46
CA VAL A 94 -8.77 -0.87 -1.36
C VAL A 94 -9.44 -0.15 -0.20
N ASP A 95 -10.29 -0.86 0.54
CA ASP A 95 -11.03 -0.23 1.63
C ASP A 95 -10.18 -0.01 2.87
N GLY A 96 -10.51 1.05 3.61
CA GLY A 96 -9.94 1.26 4.92
C GLY A 96 -11.00 0.98 5.97
N TYR A 97 -10.75 1.39 7.21
CA TYR A 97 -11.71 1.15 8.28
C TYR A 97 -12.99 1.93 8.03
N ASN A 98 -14.07 1.18 7.83
CA ASN A 98 -15.32 1.69 7.25
C ASN A 98 -15.15 2.23 5.84
N LYS A 99 -14.56 3.43 5.73
CA LYS A 99 -14.53 4.18 4.47
C LYS A 99 -14.06 3.38 3.26
N ALA A 100 -14.89 3.36 2.23
CA ALA A 100 -14.57 2.64 0.99
C ALA A 100 -13.45 3.34 0.24
N LYS A 101 -12.65 2.56 -0.49
CA LYS A 101 -11.61 3.11 -1.35
C LYS A 101 -10.69 4.10 -0.62
N ALA A 102 -10.31 3.76 0.61
CA ALA A 102 -9.45 4.65 1.41
C ALA A 102 -7.99 4.65 0.91
N TYR A 103 -7.65 3.64 0.11
CA TYR A 103 -6.28 3.50 -0.37
C TYR A 103 -6.30 3.21 -1.85
N ILE A 104 -5.25 3.65 -2.54
CA ILE A 104 -4.83 3.01 -3.77
C ILE A 104 -3.56 2.21 -3.50
N ALA A 105 -3.68 0.90 -3.61
CA ALA A 105 -2.55 0.01 -3.49
C ALA A 105 -2.03 -0.25 -4.90
N THR A 106 -0.77 0.08 -5.13
CA THR A 106 -0.21 -0.11 -6.46
C THR A 106 1.25 -0.56 -6.41
N GLN A 107 1.75 -1.06 -7.53
CA GLN A 107 3.12 -1.55 -7.63
C GLN A 107 4.09 -0.36 -7.58
N GLY A 108 5.36 -0.64 -7.28
CA GLY A 108 6.40 0.36 -7.52
C GLY A 108 6.47 0.69 -9.00
N PRO A 109 6.37 1.99 -9.35
CA PRO A 109 6.30 2.47 -10.74
C PRO A 109 7.56 2.14 -11.55
N LEU A 110 7.36 1.74 -12.81
CA LEU A 110 8.46 1.56 -13.75
C LEU A 110 8.67 2.88 -14.49
N LYS A 111 9.83 3.03 -15.13
CA LYS A 111 10.13 4.22 -15.92
C LYS A 111 8.99 4.48 -16.90
N SER A 112 8.57 3.40 -17.57
CA SER A 112 7.56 3.49 -18.61
C SER A 112 6.14 3.77 -18.06
N THR A 113 6.01 3.94 -16.74
CA THR A 113 4.71 4.27 -16.16
C THR A 113 4.73 5.45 -15.19
N PHE A 114 5.84 6.20 -15.14
CA PHE A 114 5.93 7.36 -14.27
C PHE A 114 4.86 8.38 -14.63
N GLU A 115 4.50 8.44 -15.91
CA GLU A 115 3.49 9.38 -16.36
C GLU A 115 2.11 8.97 -15.85
N ASP A 116 1.75 7.71 -16.09
CA ASP A 116 0.51 7.17 -15.57
C ASP A 116 0.43 7.38 -14.07
N PHE A 117 1.52 7.06 -13.39
CA PHE A 117 1.61 7.12 -11.95
C PHE A 117 1.28 8.51 -11.41
N TRP A 118 1.88 9.53 -12.00
CA TRP A 118 1.64 10.87 -11.51
C TRP A 118 0.31 11.42 -12.01
N ARG A 119 -0.15 10.92 -13.15
CA ARG A 119 -1.45 11.34 -13.66
C ARG A 119 -2.53 10.81 -12.72
N MET A 120 -2.37 9.56 -12.29
CA MET A 120 -3.30 8.95 -11.36
C MET A 120 -3.35 9.76 -10.08
N ILE A 121 -2.18 10.10 -9.56
CA ILE A 121 -2.11 10.88 -8.33
C ILE A 121 -2.84 12.21 -8.47
N TRP A 122 -2.65 12.88 -9.61
CA TRP A 122 -3.34 14.14 -9.82
C TRP A 122 -4.85 13.89 -10.01
N GLU A 123 -5.19 12.98 -10.90
CA GLU A 123 -6.59 12.68 -11.20
C GLU A 123 -7.39 12.20 -10.00
N GLN A 124 -6.74 11.46 -9.10
CA GLN A 124 -7.43 10.93 -7.92
C GLN A 124 -7.34 11.88 -6.75
N ASN A 125 -6.59 12.96 -6.92
CA ASN A 125 -6.46 13.94 -5.85
C ASN A 125 -5.77 13.31 -4.64
N THR A 126 -4.82 12.41 -4.89
CA THR A 126 -4.04 11.85 -3.79
C THR A 126 -3.12 12.92 -3.21
N GLY A 127 -3.02 12.97 -1.89
CA GLY A 127 -2.16 13.95 -1.25
C GLY A 127 -1.04 13.32 -0.43
N ILE A 128 -1.07 11.99 -0.32
CA ILE A 128 -0.10 11.25 0.49
C ILE A 128 0.40 10.00 -0.24
N ILE A 129 1.70 9.81 -0.28
CA ILE A 129 2.28 8.58 -0.82
C ILE A 129 2.98 7.82 0.30
N VAL A 130 2.65 6.55 0.45
CA VAL A 130 3.34 5.71 1.40
C VAL A 130 4.20 4.72 0.62
N MET A 131 5.52 4.87 0.72
CA MET A 131 6.44 3.99 -0.03
C MET A 131 7.13 2.98 0.89
N ILE A 132 6.92 1.70 0.64
CA ILE A 132 7.36 0.66 1.57
C ILE A 132 8.35 -0.31 0.92
N THR A 133 9.33 0.27 0.25
CA THR A 133 10.43 -0.52 -0.31
C THR A 133 11.58 0.44 -0.46
N ASN A 134 12.78 -0.09 -0.68
CA ASN A 134 13.86 0.72 -1.22
C ASN A 134 13.94 0.43 -2.71
N LEU A 135 14.59 1.32 -3.45
CA LEU A 135 14.71 1.18 -4.88
C LEU A 135 15.41 -0.13 -5.19
N VAL A 136 16.44 -0.41 -4.39
CA VAL A 136 17.24 -1.61 -4.56
C VAL A 136 17.32 -2.30 -3.21
N GLU A 137 17.11 -3.61 -3.20
CA GLU A 137 17.22 -4.35 -1.96
C GLU A 137 17.98 -5.65 -2.18
N LYS A 138 19.04 -5.83 -1.41
CA LYS A 138 19.89 -7.01 -1.54
C LYS A 138 20.37 -7.13 -2.99
N GLY A 139 20.74 -5.99 -3.56
CA GLY A 139 21.23 -5.99 -4.93
C GLY A 139 20.16 -6.07 -6.01
N ARG A 140 18.89 -6.27 -5.61
CA ARG A 140 17.81 -6.44 -6.58
C ARG A 140 16.99 -5.16 -6.79
N ARG A 141 16.62 -4.92 -8.04
CA ARG A 141 15.80 -3.76 -8.39
C ARG A 141 14.37 -3.98 -7.91
N LYS A 142 13.89 -3.08 -7.05
CA LYS A 142 12.53 -3.19 -6.52
C LYS A 142 11.63 -2.11 -7.08
N CYS A 143 12.20 -0.95 -7.36
CA CYS A 143 11.40 0.19 -7.76
C CYS A 143 12.25 1.28 -8.41
N ASP A 144 11.76 1.87 -9.50
CA ASP A 144 12.45 2.97 -10.16
C ASP A 144 12.11 4.27 -9.47
N GLN A 145 13.06 5.19 -9.44
CA GLN A 145 12.85 6.43 -8.72
C GLN A 145 11.99 7.36 -9.56
N TYR A 146 10.79 7.64 -9.06
CA TYR A 146 9.76 8.32 -9.83
C TYR A 146 9.65 9.77 -9.41
N TRP A 147 10.60 10.22 -8.58
CA TRP A 147 10.59 11.59 -8.12
C TRP A 147 11.95 12.25 -8.35
N PRO A 148 12.00 13.60 -8.25
CA PRO A 148 13.24 14.34 -8.42
C PRO A 148 14.21 14.16 -7.25
N THR A 149 15.43 13.73 -7.56
CA THR A 149 16.52 13.77 -6.59
C THR A 149 16.65 15.17 -6.02
N GLU A 150 16.52 16.17 -6.86
CA GLU A 150 16.46 17.55 -6.40
C GLU A 150 15.76 18.46 -7.39
N ASN A 151 15.30 19.61 -6.89
CA ASN A 151 14.55 20.53 -7.72
C ASN A 151 13.40 19.81 -8.41
N SER A 152 13.22 20.05 -9.70
CA SER A 152 12.03 19.58 -10.38
C SER A 152 12.29 18.53 -11.44
N GLU A 153 11.24 17.77 -11.77
CA GLU A 153 11.29 16.81 -12.86
C GLU A 153 9.90 16.73 -13.49
N GLU A 154 9.86 16.53 -14.80
CA GLU A 154 8.60 16.55 -15.53
C GLU A 154 8.20 15.15 -15.97
N TYR A 155 6.97 14.78 -15.63
CA TYR A 155 6.39 13.53 -16.11
C TYR A 155 5.06 13.87 -16.77
N GLY A 156 4.98 13.64 -18.09
CA GLY A 156 3.80 14.08 -18.81
C GLY A 156 3.52 15.53 -18.46
N ASN A 157 2.29 15.83 -18.08
CA ASN A 157 1.89 17.21 -17.80
C ASN A 157 1.92 17.52 -16.32
N ILE A 158 2.45 16.57 -15.53
CA ILE A 158 2.73 16.83 -14.12
C ILE A 158 4.23 17.04 -13.96
N ILE A 159 4.61 18.17 -13.41
CA ILE A 159 6.00 18.33 -13.02
C ILE A 159 6.08 18.46 -11.52
N VAL A 160 6.97 17.68 -10.94
CA VAL A 160 7.05 17.50 -9.52
C VAL A 160 8.26 18.26 -8.99
N THR A 161 8.05 19.04 -7.93
CA THR A 161 9.14 19.75 -7.29
C THR A 161 9.36 19.28 -5.86
N LEU A 162 10.57 18.81 -5.58
CA LEU A 162 10.96 18.43 -4.22
C LEU A 162 11.22 19.68 -3.37
N LYS A 163 10.44 19.83 -2.30
CA LYS A 163 10.49 21.05 -1.50
C LYS A 163 11.31 20.90 -0.23
N SER A 164 11.22 19.73 0.41
CA SER A 164 12.00 19.48 1.61
C SER A 164 12.10 18.00 1.88
N THR A 165 13.07 17.62 2.71
CA THR A 165 13.27 16.24 3.07
C THR A 165 13.69 16.15 4.53
N LYS A 166 13.05 15.23 5.25
CA LYS A 166 13.55 14.86 6.56
C LYS A 166 13.82 13.37 6.56
N ILE A 167 15.04 13.01 6.95
CA ILE A 167 15.47 11.63 6.97
C ILE A 167 15.57 11.17 8.42
N HIS A 168 14.74 10.19 8.78
CA HIS A 168 14.77 9.63 10.13
C HIS A 168 15.55 8.34 10.14
N ALA A 169 15.66 7.76 11.33
CA ALA A 169 16.26 6.46 11.48
C ALA A 169 15.72 5.45 10.48
N CYS A 170 14.40 5.34 10.38
CA CYS A 170 13.80 4.20 9.71
C CYS A 170 12.95 4.58 8.50
N TYR A 171 12.74 5.87 8.29
CA TYR A 171 12.01 6.31 7.13
C TYR A 171 12.32 7.75 6.82
N THR A 172 11.94 8.16 5.62
CA THR A 172 12.16 9.52 5.15
C THR A 172 10.83 10.14 4.76
N VAL A 173 10.72 11.45 4.98
CA VAL A 173 9.57 12.18 4.52
C VAL A 173 10.00 13.24 3.51
N ARG A 174 9.47 13.15 2.28
CA ARG A 174 9.72 14.16 1.27
C ARG A 174 8.44 14.94 0.95
N ARG A 175 8.52 16.26 1.01
CA ARG A 175 7.40 17.11 0.65
C ARG A 175 7.58 17.61 -0.79
N PHE A 176 6.62 17.27 -1.65
CA PHE A 176 6.64 17.74 -3.02
C PHE A 176 5.56 18.76 -3.26
N SER A 177 5.80 19.64 -4.23
CA SER A 177 4.75 20.44 -4.83
C SER A 177 4.65 19.99 -6.30
N ILE A 178 3.45 19.61 -6.73
CA ILE A 178 3.23 19.24 -8.12
C ILE A 178 2.26 20.21 -8.78
N ARG A 179 2.52 20.53 -10.04
CA ARG A 179 1.58 21.34 -10.81
C ARG A 179 1.27 20.67 -12.13
N ASN A 180 0.00 20.73 -12.51
CA ASN A 180 -0.44 20.24 -13.81
C ASN A 180 -0.27 21.37 -14.82
N THR A 181 0.40 21.11 -15.94
CA THR A 181 0.68 22.15 -16.92
C THR A 181 -0.56 22.46 -17.78
N LYS A 182 -1.47 21.51 -17.87
CA LYS A 182 -2.66 21.62 -18.74
C LYS A 182 -3.83 22.01 -17.90
N VAL A 183 -3.57 22.75 -16.83
CA VAL A 183 -4.64 23.18 -15.91
C VAL A 183 -4.40 24.66 -15.75
N LYS A 184 -5.33 25.50 -16.24
CA LYS A 184 -5.31 26.92 -15.93
C LYS A 184 -4.43 27.67 -16.94
N GLN A 195 0.26 26.91 -12.85
CA GLN A 195 -1.04 26.28 -13.00
C GLN A 195 -1.64 25.98 -11.64
N ASN A 196 -2.47 24.93 -11.56
CA ASN A 196 -2.97 24.51 -10.27
C ASN A 196 -1.97 23.56 -9.60
N GLU A 197 -1.77 23.77 -8.30
CA GLU A 197 -0.71 23.09 -7.58
C GLU A 197 -1.24 22.36 -6.35
N ARG A 198 -0.62 21.25 -6.03
CA ARG A 198 -0.92 20.55 -4.79
C ARG A 198 0.38 20.18 -4.07
N VAL A 199 0.31 20.09 -2.76
CA VAL A 199 1.37 19.45 -1.98
C VAL A 199 1.08 17.96 -2.01
N VAL A 200 2.11 17.17 -2.24
CA VAL A 200 2.03 15.73 -2.05
C VAL A 200 3.15 15.32 -1.11
N ILE A 201 2.81 14.66 -0.01
CA ILE A 201 3.82 14.22 0.94
C ILE A 201 4.06 12.72 0.83
N GLN A 202 5.34 12.37 0.68
CA GLN A 202 5.75 10.98 0.57
C GLN A 202 6.38 10.53 1.88
N TYR A 203 5.83 9.44 2.43
CA TYR A 203 6.43 8.75 3.55
C TYR A 203 7.07 7.48 3.05
N HIS A 204 8.39 7.39 3.22
CA HIS A 204 9.21 6.38 2.58
C HIS A 204 9.93 5.58 3.67
N TYR A 205 9.49 4.35 3.90
CA TYR A 205 10.16 3.50 4.88
C TYR A 205 11.39 2.90 4.24
N THR A 206 12.52 3.05 4.94
CA THR A 206 13.84 2.84 4.33
C THR A 206 14.66 1.78 5.05
N GLN A 207 14.18 1.35 6.22
CA GLN A 207 14.94 0.46 7.11
C GLN A 207 14.72 -1.00 6.73
N TRP A 208 15.62 -1.54 5.90
CA TRP A 208 15.41 -2.87 5.33
C TRP A 208 16.60 -3.81 5.57
N PRO A 209 16.32 -5.08 5.89
CA PRO A 209 17.34 -6.05 6.29
C PRO A 209 18.23 -6.48 5.13
N ASP A 210 19.54 -6.53 5.38
CA ASP A 210 20.50 -7.11 4.44
C ASP A 210 20.24 -8.62 4.35
N MET A 211 19.91 -9.20 5.50
CA MET A 211 19.62 -10.63 5.58
C MET A 211 18.21 -10.81 6.15
N GLY A 212 17.46 -11.76 5.62
CA GLY A 212 16.14 -12.05 6.15
C GLY A 212 15.15 -10.89 6.04
N VAL A 213 14.18 -10.86 6.95
CA VAL A 213 13.06 -9.91 6.86
C VAL A 213 12.88 -9.10 8.14
N PRO A 214 12.09 -8.01 8.08
CA PRO A 214 11.79 -7.17 9.25
C PRO A 214 11.19 -7.99 10.37
N GLU A 215 11.43 -7.54 11.61
CA GLU A 215 11.20 -8.36 12.79
C GLU A 215 10.65 -7.53 13.97
N TYR A 216 11.32 -6.42 14.28
CA TYR A 216 10.87 -5.50 15.33
C TYR A 216 9.85 -4.51 14.76
N ALA A 217 8.65 -4.51 15.31
CA ALA A 217 7.52 -3.82 14.71
C ALA A 217 7.30 -2.39 15.20
N LEU A 218 7.96 -2.02 16.28
CA LEU A 218 7.75 -0.70 16.88
C LEU A 218 8.03 0.51 15.98
N PRO A 219 9.14 0.49 15.22
CA PRO A 219 9.47 1.62 14.32
C PRO A 219 8.41 1.75 13.23
N VAL A 220 7.85 0.61 12.85
CA VAL A 220 6.83 0.55 11.81
C VAL A 220 5.53 1.16 12.32
N LEU A 221 5.15 0.77 13.53
CA LEU A 221 3.96 1.31 14.18
C LEU A 221 4.03 2.84 14.11
N THR A 222 5.21 3.39 14.35
CA THR A 222 5.38 4.83 14.37
C THR A 222 5.20 5.39 12.96
N PHE A 223 5.85 4.74 12.00
CA PHE A 223 5.68 5.11 10.61
C PHE A 223 4.19 5.12 10.23
N VAL A 224 3.50 4.03 10.51
CA VAL A 224 2.08 3.94 10.20
C VAL A 224 1.30 5.07 10.86
N ARG A 225 1.58 5.34 12.14
CA ARG A 225 0.85 6.36 12.87
C ARG A 225 1.04 7.75 12.27
N ARG A 226 2.27 8.05 11.85
CA ARG A 226 2.56 9.39 11.36
C ARG A 226 2.10 9.57 9.92
N SER A 227 2.32 8.58 9.07
CA SER A 227 1.87 8.69 7.70
C SER A 227 0.32 8.74 7.64
N SER A 228 -0.34 7.94 8.47
CA SER A 228 -1.80 7.88 8.43
C SER A 228 -2.37 9.18 8.97
N ALA A 229 -1.77 9.72 10.02
CA ALA A 229 -2.26 10.97 10.60
C ALA A 229 -2.06 12.14 9.66
N ALA A 230 -1.22 11.96 8.65
CA ALA A 230 -0.96 13.02 7.68
C ALA A 230 -2.12 13.19 6.71
N ARG A 231 -2.99 12.18 6.62
CA ARG A 231 -4.14 12.24 5.71
C ARG A 231 -5.00 13.47 6.02
N MET A 232 -5.26 14.25 4.97
CA MET A 232 -6.06 15.46 5.10
C MET A 232 -7.49 15.21 4.64
N PRO A 233 -8.47 15.79 5.36
CA PRO A 233 -9.84 15.88 4.83
C PRO A 233 -9.84 17.01 3.82
N GLU A 234 -10.62 16.88 2.76
CA GLU A 234 -11.18 15.62 2.34
C GLU A 234 -10.49 15.36 1.01
N THR A 235 -9.59 14.40 0.99
CA THR A 235 -8.69 14.24 -0.14
C THR A 235 -8.90 12.91 -0.84
N GLY A 236 -8.16 12.67 -1.91
CA GLY A 236 -8.22 11.37 -2.55
C GLY A 236 -7.65 10.30 -1.66
N PRO A 237 -7.73 9.03 -2.10
CA PRO A 237 -7.20 7.91 -1.32
C PRO A 237 -5.68 8.00 -1.16
N VAL A 238 -5.17 7.48 -0.04
CA VAL A 238 -3.73 7.41 0.17
C VAL A 238 -3.10 6.39 -0.77
N LEU A 239 -2.07 6.81 -1.50
CA LEU A 239 -1.37 5.87 -2.37
C LEU A 239 -0.35 5.08 -1.53
N VAL A 240 -0.44 3.76 -1.61
CA VAL A 240 0.45 2.87 -0.87
C VAL A 240 1.09 1.93 -1.88
N HIS A 241 2.42 1.87 -1.88
CA HIS A 241 3.11 0.96 -2.78
C HIS A 241 4.38 0.42 -2.16
N CYS A 242 4.72 -0.79 -2.55
CA CYS A 242 6.05 -1.29 -2.30
C CYS A 242 6.66 -1.62 -3.66
N SER A 243 6.96 -2.89 -3.89
CA SER A 243 7.53 -3.26 -5.17
C SER A 243 6.44 -3.85 -6.07
N ALA A 244 5.92 -5.03 -5.70
CA ALA A 244 4.78 -5.60 -6.37
C ALA A 244 3.49 -4.89 -5.99
N GLY A 245 3.49 -4.25 -4.82
CA GLY A 245 2.30 -3.54 -4.36
C GLY A 245 1.26 -4.41 -3.68
N VAL A 246 1.64 -5.61 -3.25
CA VAL A 246 0.73 -6.49 -2.51
C VAL A 246 1.17 -6.87 -1.08
N GLY A 247 2.42 -7.30 -0.91
CA GLY A 247 2.83 -7.82 0.39
C GLY A 247 2.94 -6.79 1.51
N ARG A 248 3.94 -5.92 1.41
CA ARG A 248 4.15 -4.88 2.41
C ARG A 248 3.01 -3.88 2.36
N THR A 249 2.48 -3.68 1.16
CA THR A 249 1.36 -2.79 0.96
C THR A 249 0.11 -3.27 1.72
N GLY A 250 -0.19 -4.56 1.65
CA GLY A 250 -1.32 -5.09 2.39
C GLY A 250 -1.11 -5.04 3.90
N THR A 251 0.12 -5.27 4.31
CA THR A 251 0.50 -5.22 5.73
C THR A 251 0.21 -3.85 6.29
N TYR A 252 0.61 -2.82 5.55
CA TYR A 252 0.36 -1.45 5.94
C TYR A 252 -1.14 -1.17 6.07
N ILE A 253 -1.90 -1.53 5.06
CA ILE A 253 -3.32 -1.24 5.05
C ILE A 253 -4.05 -1.91 6.23
N VAL A 254 -3.73 -3.17 6.51
CA VAL A 254 -4.34 -3.85 7.64
C VAL A 254 -3.92 -3.24 8.98
N ILE A 255 -2.65 -2.87 9.14
CA ILE A 255 -2.24 -2.32 10.42
C ILE A 255 -2.92 -0.98 10.62
N ASP A 256 -2.91 -0.17 9.56
CA ASP A 256 -3.54 1.13 9.60
C ASP A 256 -5.04 1.00 9.92
N SER A 257 -5.75 0.19 9.14
CA SER A 257 -7.20 0.05 9.34
C SER A 257 -7.54 -0.46 10.74
N MET A 258 -6.83 -1.50 11.20
CA MET A 258 -7.13 -2.08 12.49
C MET A 258 -6.84 -1.14 13.66
N LEU A 259 -5.84 -0.28 13.52
CA LEU A 259 -5.60 0.76 14.53
C LEU A 259 -6.78 1.74 14.57
N GLN A 260 -7.41 1.98 13.42
CA GLN A 260 -8.58 2.85 13.37
C GLN A 260 -9.72 2.19 14.12
N GLN A 261 -9.91 0.90 13.85
CA GLN A 261 -10.97 0.14 14.50
C GLN A 261 -10.77 0.09 16.00
N ILE A 262 -9.53 -0.04 16.43
CA ILE A 262 -9.26 -0.12 17.85
C ILE A 262 -9.61 1.21 18.51
N LYS A 263 -9.20 2.32 17.89
CA LYS A 263 -9.51 3.64 18.42
C LYS A 263 -11.03 3.82 18.49
N ASP A 264 -11.71 3.37 17.44
CA ASP A 264 -13.15 3.55 17.33
C ASP A 264 -13.94 2.67 18.29
N LYS A 265 -13.76 1.36 18.21
CA LYS A 265 -14.63 0.41 18.90
C LYS A 265 -13.89 -0.47 19.91
N SER A 266 -12.57 -0.32 19.99
CA SER A 266 -11.75 -1.19 20.82
C SER A 266 -11.95 -2.68 20.49
N THR A 267 -12.09 -2.98 19.20
CA THR A 267 -12.09 -4.35 18.74
C THR A 267 -11.17 -4.50 17.53
N VAL A 268 -10.83 -5.75 17.22
CA VAL A 268 -9.91 -6.04 16.12
C VAL A 268 -10.54 -7.12 15.24
N ASN A 269 -10.23 -7.10 13.95
CA ASN A 269 -10.69 -8.16 13.07
C ASN A 269 -9.73 -8.35 11.91
N VAL A 270 -8.53 -8.84 12.21
CA VAL A 270 -7.51 -8.96 11.19
C VAL A 270 -7.91 -9.95 10.09
N LEU A 271 -8.31 -11.15 10.50
CA LEU A 271 -8.59 -12.23 9.55
C LEU A 271 -9.74 -11.88 8.61
N GLY A 272 -10.77 -11.22 9.15
CA GLY A 272 -11.93 -10.85 8.35
C GLY A 272 -11.63 -9.71 7.41
N PHE A 273 -10.92 -8.69 7.89
CA PHE A 273 -10.66 -7.53 7.05
C PHE A 273 -9.73 -7.92 5.93
N LEU A 274 -8.78 -8.80 6.23
CA LEU A 274 -7.80 -9.21 5.23
C LEU A 274 -8.43 -10.06 4.15
N LYS A 275 -9.31 -10.99 4.54
CA LYS A 275 -9.99 -11.81 3.55
C LYS A 275 -10.80 -10.92 2.61
N HIS A 276 -11.29 -9.82 3.17
CA HIS A 276 -12.10 -8.87 2.44
C HIS A 276 -11.27 -8.08 1.43
N ILE A 277 -10.19 -7.46 1.88
CA ILE A 277 -9.43 -6.65 0.93
C ILE A 277 -8.70 -7.52 -0.08
N ARG A 278 -8.57 -8.81 0.22
CA ARG A 278 -8.03 -9.77 -0.74
C ARG A 278 -8.89 -9.90 -2.00
N THR A 279 -10.16 -9.48 -1.93
CA THR A 279 -11.01 -9.50 -3.12
C THR A 279 -10.76 -8.27 -3.97
N GLN A 280 -10.08 -7.27 -3.40
CA GLN A 280 -9.84 -6.00 -4.07
C GLN A 280 -8.45 -5.89 -4.71
N ARG A 281 -7.47 -6.64 -4.21
CA ARG A 281 -6.20 -6.76 -4.91
C ARG A 281 -5.50 -8.06 -4.58
N ASN A 282 -5.03 -8.77 -5.59
CA ASN A 282 -4.47 -10.08 -5.34
C ASN A 282 -3.33 -10.05 -4.31
N TYR A 283 -3.35 -11.04 -3.41
CA TYR A 283 -2.22 -11.36 -2.54
C TYR A 283 -1.88 -10.31 -1.48
N LEU A 284 -2.78 -9.39 -1.18
CA LEU A 284 -2.47 -8.39 -0.17
C LEU A 284 -2.12 -9.11 1.14
N VAL A 285 -1.00 -8.70 1.74
CA VAL A 285 -0.36 -9.45 2.81
C VAL A 285 0.04 -10.83 2.27
N GLN A 286 1.28 -10.93 1.81
CA GLN A 286 1.69 -11.99 0.90
C GLN A 286 2.24 -13.23 1.61
N THR A 287 2.75 -13.06 2.82
CA THR A 287 3.35 -14.18 3.51
C THR A 287 2.83 -14.31 4.93
N GLU A 288 2.99 -15.50 5.49
CA GLU A 288 2.69 -15.74 6.88
C GLU A 288 3.49 -14.81 7.82
N GLU A 289 4.73 -14.53 7.47
CA GLU A 289 5.58 -13.67 8.28
C GLU A 289 5.03 -12.25 8.37
N GLN A 290 4.53 -11.73 7.24
CA GLN A 290 3.91 -10.42 7.23
C GLN A 290 2.61 -10.47 8.04
N TYR A 291 1.88 -11.58 7.91
CA TYR A 291 0.64 -11.76 8.64
C TYR A 291 0.94 -11.75 10.15
N ILE A 292 1.98 -12.47 10.55
CA ILE A 292 2.38 -12.45 11.96
C ILE A 292 2.81 -11.04 12.37
N PHE A 293 3.48 -10.34 11.48
CA PHE A 293 3.98 -9.00 11.78
C PHE A 293 2.85 -8.02 12.12
N ILE A 294 1.75 -8.09 11.37
CA ILE A 294 0.57 -7.28 11.64
C ILE A 294 0.14 -7.44 13.10
N HIS A 295 0.13 -8.68 13.57
CA HIS A 295 -0.22 -8.95 14.95
C HIS A 295 0.79 -8.36 15.94
N ASP A 296 2.08 -8.46 15.62
CA ASP A 296 3.11 -7.86 16.48
C ASP A 296 2.93 -6.35 16.53
N ALA A 297 2.64 -5.73 15.39
CA ALA A 297 2.44 -4.29 15.37
C ALA A 297 1.28 -3.90 16.28
N LEU A 298 0.17 -4.62 16.18
CA LEU A 298 -1.04 -4.26 16.91
C LEU A 298 -0.90 -4.57 18.40
N LEU A 299 -0.20 -5.66 18.71
CA LEU A 299 0.16 -5.96 20.10
C LEU A 299 0.97 -4.81 20.72
N GLU A 300 1.88 -4.21 19.95
CA GLU A 300 2.68 -3.09 20.45
C GLU A 300 1.80 -1.88 20.72
N ALA A 301 0.85 -1.63 19.84
CA ALA A 301 -0.03 -0.48 19.98
C ALA A 301 -0.90 -0.67 21.21
N ILE A 302 -1.35 -1.90 21.43
CA ILE A 302 -2.26 -2.18 22.54
C ILE A 302 -1.55 -2.12 23.88
N LEU A 303 -0.39 -2.74 23.97
CA LEU A 303 0.38 -2.72 25.21
C LEU A 303 0.97 -1.34 25.48
N GLY A 304 1.39 -0.65 24.43
CA GLY A 304 2.03 0.64 24.61
C GLY A 304 1.10 1.69 25.18
S1 NX3 B . 8.14 -10.16 6.81
C2 NX3 B . 8.22 -8.68 5.97
C3 NX3 B . 7.79 -7.69 6.75
C4 NX3 B . 7.48 -8.10 8.11
C5 NX3 B . 7.58 -9.41 8.25
C6 NX3 B . 8.69 -8.57 4.56
N7 NX3 B . 9.13 -9.69 3.97
O8 NX3 B . 8.69 -7.47 4.03
S9 NX3 B . 9.91 -9.64 2.55
S10 NX3 B . 7.65 -6.04 6.22
C11 NX3 B . 7.23 -5.22 7.72
C12 NX3 B . 6.90 -3.79 7.45
C13 NX3 B . 7.97 -2.81 7.22
C14 NX3 B . 7.67 -1.44 6.98
C15 NX3 B . 6.28 -1.10 6.97
C16 NX3 B . 5.22 -2.06 7.19
C17 NX3 B . 5.51 -3.42 7.43
CL18 NX3 B . 3.54 -1.52 7.16
CL19 NX3 B . 5.87 0.55 6.71
O20 NX3 B . 10.68 -10.84 2.50
O21 NX3 B . 10.57 -8.39 2.35
C22 NX3 B . 8.80 -9.97 1.22
C23 NX3 B . 7.99 -8.96 0.58
C24 NX3 B . 7.09 -9.30 -0.50
C25 NX3 B . 7.06 -10.69 -0.90
C26 NX3 B . 7.88 -11.72 -0.27
C27 NX3 B . 8.76 -11.37 0.82
N28 NX3 B . 7.84 -13.02 -0.69
#